data_5FGK
#
_entry.id   5FGK
#
_cell.length_a   71.943
_cell.length_b   71.928
_cell.length_c   177.926
_cell.angle_alpha   90.000
_cell.angle_beta   90.000
_cell.angle_gamma   90.000
#
_symmetry.space_group_name_H-M   'P 21 21 21'
#
loop_
_entity.id
_entity.type
_entity.pdbx_description
1 polymer 'Cyclin-dependent kinase 8'
2 polymer Cyclin-C
3 non-polymer 8-[3-(3-azanyl-2~{H}-indazol-6-yl)-5-chloranyl-pyridin-4-yl]-2,8-diazaspiro[4.5]decan-1-one
4 non-polymer 'DIMETHYL SULFOXIDE'
5 non-polymer 1,2-ETHANEDIOL
6 non-polymer 'FORMIC ACID'
7 water water
#
loop_
_entity_poly.entity_id
_entity_poly.type
_entity_poly.pdbx_seq_one_letter_code
_entity_poly.pdbx_strand_id
1 'polypeptide(L)'
;DKMDYDFKVKLSSERERVEDLFEYEGCKVGRGTYGHVYKAKRKDGKDDKDYALKQIEGTGISMSACREIALLRELKHPNV
ISLQKVFLSHADRKVWLLFDYAEHDLWHIIKFHRASKANKKPVQLPRGMVKSLLYQILDGIHYLHANWVLHRDLKPANIL
VMGEGPERGRVKIADMGFARLFNSPLKPLADLDPVVVTFWYRAPELLLGARHYTKAIDIWAIGCIFAELLTSEPIFHCRQ
EDIKTSNPYHHDQLDRIFNVMGFPADKDWEDIKKMPEHSTLMKDFRRNTYTNCSLIKYMEKHKVKPDSKAFHLLQKLLTM
DPIKRITSEQAMQDPYFLEDPLPTSDVFAGCQIPYPKREFLTEE
;
A
2 'polypeptide(L)'
;KAMAGNFWQSSHYLQWILDKQDLLKERQKDLKFLSEEEYWKLQIFFTNVIQALGEHLKLRQQVIATATVYFKRFYARYSL
KSIDPVLMAPTCVFLASKVEEFGVVSNTRLIAAATSVLKTRFSYAFPKEFPYRMNHILECEFYLLELMDCCLIVYHPYRP
LLQYVQDMGQEDMLLPLAWRIVNDTYRTDLCLLYPPFMIALACLHVACVVQQKDARQWFAELSVDMEKILEIIRVILKLY
EQWKNFDERKEMATILSKMPKPKPPP
;
B
#
loop_
_chem_comp.id
_chem_comp.type
_chem_comp.name
_chem_comp.formula
5XG non-polymer 8-[3-(3-azanyl-2~{H}-indazol-6-yl)-5-chloranyl-pyridin-4-yl]-2,8-diazaspiro[4.5]decan-1-one 'C20 H21 Cl N6 O'
DMS non-polymer 'DIMETHYL SULFOXIDE' 'C2 H6 O S'
EDO non-polymer 1,2-ETHANEDIOL 'C2 H6 O2'
FMT non-polymer 'FORMIC ACID' 'C H2 O2'
#
# COMPACT_ATOMS: atom_id res chain seq x y z
N MET A 3 -23.57 19.90 -1.47
CA MET A 3 -23.38 19.05 -2.69
C MET A 3 -24.59 19.14 -3.59
N ASP A 4 -24.35 19.20 -4.90
CA ASP A 4 -25.44 19.24 -5.91
C ASP A 4 -26.39 18.06 -5.71
N TYR A 5 -27.69 18.35 -5.77
CA TYR A 5 -28.71 17.34 -5.50
C TYR A 5 -28.75 16.26 -6.59
N ASP A 6 -28.68 16.68 -7.85
CA ASP A 6 -28.76 15.75 -8.98
C ASP A 6 -27.63 14.73 -8.96
N PHE A 7 -26.42 15.22 -8.72
CA PHE A 7 -25.22 14.41 -8.48
C PHE A 7 -25.40 13.44 -7.32
N LYS A 8 -26.01 13.91 -6.23
CA LYS A 8 -26.20 13.07 -5.04
C LYS A 8 -27.15 11.87 -5.33
N VAL A 9 -28.32 12.16 -5.88
CA VAL A 9 -29.31 11.09 -6.22
C VAL A 9 -28.84 10.14 -7.32
N LYS A 10 -28.13 10.64 -8.33
CA LYS A 10 -27.62 9.79 -9.40
C LYS A 10 -26.66 8.77 -8.83
N LEU A 11 -25.72 9.24 -7.98
CA LEU A 11 -24.78 8.36 -7.29
C LEU A 11 -25.46 7.37 -6.35
N SER A 12 -26.45 7.80 -5.59
CA SER A 12 -27.16 6.89 -4.68
C SER A 12 -28.01 5.85 -5.42
N SER A 13 -28.53 6.23 -6.59
CA SER A 13 -29.28 5.33 -7.46
C SER A 13 -28.37 4.22 -8.04
N GLU A 14 -27.19 4.62 -8.49
CA GLU A 14 -26.29 3.74 -9.24
C GLU A 14 -25.25 3.01 -8.38
N ARG A 15 -25.21 3.28 -7.09
CA ARG A 15 -24.18 2.74 -6.20
C ARG A 15 -24.42 1.25 -5.96
N GLU A 16 -23.39 0.44 -6.16
CA GLU A 16 -23.46 -0.98 -5.83
C GLU A 16 -23.43 -1.12 -4.30
N ARG A 17 -24.41 -1.84 -3.78
CA ARG A 17 -24.55 -2.06 -2.34
C ARG A 17 -24.22 -3.51 -2.08
N VAL A 18 -23.40 -3.77 -1.06
CA VAL A 18 -22.97 -5.13 -0.71
C VAL A 18 -24.15 -6.13 -0.54
N GLU A 19 -25.25 -5.70 0.09
CA GLU A 19 -26.43 -6.58 0.33
C GLU A 19 -27.13 -7.01 -0.95
N ASP A 20 -27.10 -6.14 -1.96
CA ASP A 20 -27.79 -6.39 -3.24
C ASP A 20 -27.01 -7.38 -4.09
N LEU A 21 -25.68 -7.25 -4.12
CA LEU A 21 -24.82 -8.09 -4.95
C LEU A 21 -24.45 -9.45 -4.34
N PHE A 22 -24.47 -9.56 -3.01
CA PHE A 22 -23.91 -10.74 -2.32
C PHE A 22 -24.81 -11.35 -1.25
N GLU A 23 -24.85 -12.68 -1.23
CA GLU A 23 -25.59 -13.45 -0.25
C GLU A 23 -24.60 -13.90 0.81
N TYR A 24 -24.75 -13.37 2.03
CA TYR A 24 -23.89 -13.72 3.18
C TYR A 24 -24.64 -13.90 4.52
N GLU A 25 -25.97 -14.00 4.47
CA GLU A 25 -26.78 -14.18 5.68
C GLU A 25 -26.42 -15.51 6.32
N GLY A 26 -25.90 -15.45 7.55
CA GLY A 26 -25.53 -16.64 8.31
C GLY A 26 -24.27 -17.35 7.84
N CYS A 27 -23.43 -16.69 7.05
CA CYS A 27 -22.22 -17.31 6.49
C CYS A 27 -20.94 -16.72 7.09
N LYS A 28 -21.01 -16.20 8.32
CA LYS A 28 -19.83 -15.64 8.97
C LYS A 28 -18.79 -16.74 9.23
N VAL A 29 -17.55 -16.53 8.78
CA VAL A 29 -16.43 -17.46 9.06
C VAL A 29 -15.35 -16.88 9.98
N GLY A 30 -15.44 -15.60 10.32
CA GLY A 30 -14.44 -14.99 11.20
C GLY A 30 -14.90 -13.71 11.85
N ARG A 31 -14.49 -13.53 13.11
CA ARG A 31 -14.68 -12.29 13.85
C ARG A 31 -13.39 -12.05 14.63
N GLY A 32 -12.85 -10.83 14.52
CA GLY A 32 -11.64 -10.43 15.23
C GLY A 32 -11.50 -8.92 15.30
N THR A 33 -10.30 -8.46 15.63
CA THR A 33 -10.01 -7.00 15.71
C THR A 33 -10.12 -6.32 14.34
N TYR A 34 -9.86 -7.10 13.29
CA TYR A 34 -10.07 -6.68 11.89
C TYR A 34 -11.53 -6.38 11.49
N GLY A 35 -12.49 -6.95 12.21
CA GLY A 35 -13.91 -6.78 11.92
C GLY A 35 -14.61 -8.13 11.78
N HIS A 36 -15.40 -8.28 10.71
CA HIS A 36 -16.23 -9.47 10.47
C HIS A 36 -15.94 -9.99 9.07
N VAL A 37 -15.76 -11.31 8.90
CA VAL A 37 -15.52 -11.88 7.56
C VAL A 37 -16.53 -13.01 7.24
N TYR A 38 -17.11 -12.95 6.04
CA TYR A 38 -18.16 -13.89 5.58
C TYR A 38 -17.72 -14.66 4.36
N LYS A 39 -18.25 -15.87 4.20
CA LYS A 39 -18.08 -16.66 2.98
C LYS A 39 -19.30 -16.36 2.11
N ALA A 40 -19.12 -15.50 1.11
CA ALA A 40 -20.23 -14.95 0.32
C ALA A 40 -20.23 -15.48 -1.11
N LYS A 41 -21.42 -15.53 -1.71
CA LYS A 41 -21.61 -15.84 -3.14
C LYS A 41 -22.39 -14.71 -3.80
N ARG A 42 -22.18 -14.51 -5.09
CA ARG A 42 -22.93 -13.50 -5.86
C ARG A 42 -24.39 -13.90 -5.97
N LYS A 43 -25.28 -12.96 -5.66
CA LYS A 43 -26.74 -13.16 -5.81
C LYS A 43 -27.16 -13.29 -7.31
N ASP A 44 -26.50 -12.52 -8.18
CA ASP A 44 -26.77 -12.53 -9.64
C ASP A 44 -26.70 -13.90 -10.27
N GLY A 45 -25.73 -14.72 -9.85
CA GLY A 45 -25.67 -16.15 -10.19
C GLY A 45 -24.65 -16.55 -11.25
N LYS A 46 -24.25 -15.60 -12.10
CA LYS A 46 -23.26 -15.83 -13.18
C LYS A 46 -21.91 -16.36 -12.70
N ASP A 47 -21.43 -15.81 -11.59
CA ASP A 47 -20.27 -16.33 -10.87
C ASP A 47 -20.73 -17.43 -9.88
N ASP A 48 -19.97 -18.52 -9.81
CA ASP A 48 -20.25 -19.62 -8.86
C ASP A 48 -19.31 -19.67 -7.64
N LYS A 49 -18.27 -18.84 -7.64
CA LYS A 49 -17.23 -18.89 -6.61
C LYS A 49 -17.70 -18.30 -5.29
N ASP A 50 -17.12 -18.78 -4.20
CA ASP A 50 -17.21 -18.13 -2.90
C ASP A 50 -16.22 -16.98 -2.87
N TYR A 51 -16.59 -15.90 -2.19
CA TYR A 51 -15.65 -14.81 -1.86
C TYR A 51 -15.61 -14.60 -0.36
N ALA A 52 -14.47 -14.10 0.13
CA ALA A 52 -14.32 -13.67 1.50
C ALA A 52 -14.71 -12.20 1.55
N LEU A 53 -15.74 -11.88 2.35
CA LEU A 53 -16.32 -10.54 2.42
C LEU A 53 -16.08 -9.98 3.82
N LYS A 54 -15.19 -8.99 3.94
CA LYS A 54 -14.85 -8.39 5.22
C LYS A 54 -15.52 -7.03 5.43
N GLN A 55 -16.30 -6.88 6.49
CA GLN A 55 -16.67 -5.54 6.99
C GLN A 55 -15.60 -5.14 7.98
N ILE A 56 -14.87 -4.06 7.69
CA ILE A 56 -13.78 -3.62 8.54
C ILE A 56 -14.33 -3.06 9.85
N GLU A 57 -13.63 -3.31 10.95
CA GLU A 57 -14.00 -2.80 12.28
C GLU A 57 -13.97 -1.26 12.33
N GLY A 58 -14.97 -0.69 13.00
CA GLY A 58 -15.09 0.76 13.19
C GLY A 58 -15.86 1.44 12.09
N THR A 59 -15.77 2.77 12.06
CA THR A 59 -16.35 3.59 11.00
C THR A 59 -15.27 4.42 10.30
N GLY A 60 -15.66 4.99 9.17
CA GLY A 60 -14.79 5.89 8.42
C GLY A 60 -13.65 5.17 7.73
N ILE A 61 -12.52 5.87 7.57
CA ILE A 61 -11.34 5.32 6.91
C ILE A 61 -10.13 5.64 7.77
N SER A 62 -9.72 4.69 8.61
CA SER A 62 -8.57 4.89 9.48
C SER A 62 -7.27 4.80 8.68
N MET A 63 -6.18 5.18 9.33
CA MET A 63 -4.84 5.03 8.76
C MET A 63 -4.60 3.61 8.25
N SER A 64 -4.91 2.62 9.10
CA SER A 64 -4.70 1.20 8.78
C SER A 64 -5.59 0.71 7.65
N ALA A 65 -6.84 1.17 7.61
CA ALA A 65 -7.78 0.87 6.53
C ALA A 65 -7.32 1.52 5.21
N CYS A 66 -6.93 2.79 5.29
N CYS A 66 -6.94 2.79 5.27
CA CYS A 66 -6.41 3.53 4.14
CA CYS A 66 -6.39 3.54 4.12
C CYS A 66 -5.19 2.86 3.51
C CYS A 66 -5.19 2.84 3.50
N ARG A 67 -4.21 2.53 4.34
CA ARG A 67 -2.99 1.82 3.90
C ARG A 67 -3.28 0.43 3.34
N GLU A 68 -4.17 -0.31 3.99
CA GLU A 68 -4.59 -1.63 3.48
C GLU A 68 -5.27 -1.52 2.11
N ILE A 69 -6.22 -0.59 1.97
CA ILE A 69 -6.88 -0.39 0.66
C ILE A 69 -5.87 0.07 -0.40
N ALA A 70 -5.03 1.04 -0.05
CA ALA A 70 -4.03 1.63 -0.96
C ALA A 70 -3.05 0.60 -1.52
N LEU A 71 -2.57 -0.30 -0.67
CA LEU A 71 -1.61 -1.32 -1.06
C LEU A 71 -2.29 -2.47 -1.81
N LEU A 72 -3.37 -3.00 -1.24
CA LEU A 72 -4.07 -4.14 -1.87
C LEU A 72 -4.61 -3.79 -3.25
N ARG A 73 -4.93 -2.50 -3.46
CA ARG A 73 -5.36 -2.00 -4.77
C ARG A 73 -4.27 -2.06 -5.85
N GLU A 74 -3.00 -2.10 -5.45
CA GLU A 74 -1.87 -2.15 -6.37
C GLU A 74 -1.21 -3.52 -6.52
N LEU A 75 -1.24 -4.34 -5.48
CA LEU A 75 -0.55 -5.62 -5.47
C LEU A 75 -1.27 -6.64 -6.35
N LYS A 76 -0.50 -7.38 -7.14
CA LYS A 76 -1.02 -8.40 -8.05
C LYS A 76 0.02 -9.50 -8.21
N HIS A 77 -0.24 -10.64 -7.57
CA HIS A 77 0.64 -11.81 -7.61
C HIS A 77 -0.15 -13.07 -7.21
N PRO A 78 0.08 -14.22 -7.88
CA PRO A 78 -0.66 -15.46 -7.57
C PRO A 78 -0.65 -15.91 -6.10
N ASN A 79 0.45 -15.69 -5.39
CA ASN A 79 0.62 -16.10 -3.98
C ASN A 79 0.36 -15.05 -2.91
N VAL A 80 -0.27 -13.95 -3.30
CA VAL A 80 -0.69 -12.92 -2.37
C VAL A 80 -2.17 -12.71 -2.60
N ILE A 81 -2.94 -12.73 -1.52
CA ILE A 81 -4.39 -12.65 -1.64
C ILE A 81 -4.79 -11.24 -2.12
N SER A 82 -5.69 -11.22 -3.11
CA SER A 82 -5.94 -10.00 -3.86
C SER A 82 -7.32 -9.42 -3.57
N LEU A 83 -7.36 -8.09 -3.47
CA LEU A 83 -8.58 -7.30 -3.34
C LEU A 83 -9.34 -7.23 -4.67
N GLN A 84 -10.52 -7.83 -4.71
CA GLN A 84 -11.40 -7.83 -5.89
C GLN A 84 -12.25 -6.56 -5.95
N LYS A 85 -12.81 -6.12 -4.83
CA LYS A 85 -13.69 -4.95 -4.79
C LYS A 85 -13.83 -4.32 -3.40
N VAL A 86 -14.11 -3.02 -3.39
CA VAL A 86 -14.41 -2.25 -2.19
C VAL A 86 -15.85 -1.72 -2.30
N PHE A 87 -16.65 -1.91 -1.24
CA PHE A 87 -17.99 -1.30 -1.12
C PHE A 87 -17.95 -0.31 0.02
N LEU A 88 -18.39 0.92 -0.23
CA LEU A 88 -18.48 1.95 0.80
C LEU A 88 -19.97 2.17 1.04
N SER A 89 -20.39 1.95 2.29
CA SER A 89 -21.77 2.10 2.75
C SER A 89 -21.85 3.46 3.45
N HIS A 90 -22.53 4.42 2.82
CA HIS A 90 -22.42 5.84 3.20
C HIS A 90 -23.18 6.21 4.47
N ALA A 91 -24.41 5.72 4.63
CA ALA A 91 -25.25 5.99 5.81
C ALA A 91 -24.52 5.72 7.14
N ASP A 92 -23.87 4.55 7.22
CA ASP A 92 -23.19 4.10 8.46
C ASP A 92 -21.66 4.18 8.41
N ARG A 93 -21.10 4.63 7.28
CA ARG A 93 -19.66 4.82 7.10
C ARG A 93 -18.83 3.56 7.35
N LYS A 94 -19.38 2.42 6.91
CA LYS A 94 -18.75 1.12 7.04
C LYS A 94 -18.09 0.80 5.72
N VAL A 95 -16.95 0.10 5.77
CA VAL A 95 -16.19 -0.28 4.57
C VAL A 95 -16.16 -1.81 4.46
N TRP A 96 -16.48 -2.32 3.27
CA TRP A 96 -16.44 -3.75 3.00
C TRP A 96 -15.38 -4.03 1.95
N LEU A 97 -14.54 -5.04 2.19
CA LEU A 97 -13.54 -5.52 1.22
C LEU A 97 -13.87 -6.96 0.75
N LEU A 98 -13.80 -7.17 -0.56
CA LEU A 98 -14.06 -8.46 -1.16
C LEU A 98 -12.73 -9.05 -1.64
N PHE A 99 -12.36 -10.20 -1.10
CA PHE A 99 -11.18 -10.96 -1.52
C PHE A 99 -11.61 -12.31 -2.11
N ASP A 100 -10.65 -13.02 -2.72
N ASP A 100 -10.65 -13.01 -2.73
CA ASP A 100 -10.84 -14.40 -3.12
CA ASP A 100 -10.86 -14.40 -3.14
C ASP A 100 -10.92 -15.23 -1.84
C ASP A 100 -10.87 -15.28 -1.89
N TYR A 101 -11.75 -16.28 -1.86
CA TYR A 101 -11.97 -17.11 -0.66
C TYR A 101 -10.99 -18.28 -0.59
N ALA A 102 -10.28 -18.38 0.53
CA ALA A 102 -9.34 -19.48 0.81
C ALA A 102 -9.94 -20.32 1.92
N GLU A 103 -10.36 -21.53 1.58
CA GLU A 103 -10.94 -22.48 2.54
C GLU A 103 -9.97 -22.87 3.68
N HIS A 104 -8.67 -22.95 3.37
CA HIS A 104 -7.68 -23.48 4.29
C HIS A 104 -6.57 -22.50 4.65
N ASP A 105 -5.76 -22.91 5.63
CA ASP A 105 -4.55 -22.21 5.99
C ASP A 105 -3.60 -23.13 6.74
N LEU A 106 -2.38 -22.64 7.00
CA LEU A 106 -1.37 -23.45 7.64
C LEU A 106 -1.63 -23.70 9.13
N TRP A 107 -2.34 -22.79 9.81
CA TRP A 107 -2.67 -23.01 11.22
C TRP A 107 -3.52 -24.28 11.36
N HIS A 108 -4.60 -24.35 10.58
CA HIS A 108 -5.53 -25.49 10.55
C HIS A 108 -4.92 -26.76 9.96
N ILE A 109 -4.10 -26.62 8.92
CA ILE A 109 -3.40 -27.75 8.30
C ILE A 109 -2.39 -28.39 9.26
N ILE A 110 -1.55 -27.57 9.89
CA ILE A 110 -0.54 -28.09 10.83
C ILE A 110 -1.26 -28.74 12.03
N LYS A 111 -2.28 -28.06 12.55
CA LYS A 111 -3.11 -28.56 13.64
C LYS A 111 -3.74 -29.93 13.33
N PHE A 112 -4.19 -30.14 12.10
CA PHE A 112 -4.76 -31.43 11.66
C PHE A 112 -3.70 -32.55 11.76
N HIS A 113 -2.48 -32.26 11.34
CA HIS A 113 -1.36 -33.21 11.43
C HIS A 113 -0.74 -33.40 12.82
N ARG A 114 -0.80 -32.37 13.67
CA ARG A 114 -0.27 -32.46 15.05
C ARG A 114 -1.19 -33.35 15.92
N ALA A 115 -2.50 -33.26 15.70
CA ALA A 115 -3.48 -34.12 16.35
C ALA A 115 -3.41 -35.54 15.79
N VAL A 123 0.35 -40.10 10.32
CA VAL A 123 -0.33 -39.00 9.66
C VAL A 123 0.60 -37.78 9.47
N GLN A 124 1.80 -38.03 8.93
CA GLN A 124 2.82 -36.99 8.74
C GLN A 124 2.46 -36.04 7.59
N LEU A 125 2.82 -34.77 7.76
CA LEU A 125 2.63 -33.75 6.70
C LEU A 125 3.57 -34.10 5.52
N PRO A 126 3.01 -34.53 4.35
CA PRO A 126 3.88 -35.05 3.27
C PRO A 126 4.95 -34.07 2.76
N ARG A 127 6.13 -34.60 2.46
CA ARG A 127 7.32 -33.77 2.23
C ARG A 127 7.35 -33.06 0.86
N GLY A 128 6.70 -33.64 -0.15
CA GLY A 128 6.33 -32.92 -1.38
C GLY A 128 5.46 -31.67 -1.16
N MET A 129 4.51 -31.76 -0.23
CA MET A 129 3.62 -30.65 0.12
C MET A 129 4.36 -29.55 0.89
N VAL A 130 5.25 -29.92 1.81
CA VAL A 130 6.06 -28.96 2.56
C VAL A 130 6.97 -28.12 1.64
N LYS A 131 7.61 -28.77 0.68
CA LYS A 131 8.45 -28.09 -0.30
C LYS A 131 7.61 -27.13 -1.12
N SER A 132 6.48 -27.61 -1.62
CA SER A 132 5.61 -26.78 -2.44
C SER A 132 5.05 -25.57 -1.68
N LEU A 133 4.70 -25.78 -0.40
CA LEU A 133 4.22 -24.69 0.46
C LEU A 133 5.33 -23.64 0.66
N LEU A 134 6.50 -24.09 1.09
CA LEU A 134 7.65 -23.20 1.29
C LEU A 134 7.98 -22.35 0.05
N TYR A 135 7.99 -22.99 -1.13
CA TYR A 135 8.34 -22.29 -2.37
C TYR A 135 7.34 -21.15 -2.68
N GLN A 136 6.05 -21.43 -2.53
CA GLN A 136 5.01 -20.46 -2.82
C GLN A 136 4.99 -19.34 -1.78
N ILE A 137 5.26 -19.68 -0.52
CA ILE A 137 5.45 -18.65 0.51
C ILE A 137 6.64 -17.73 0.11
N LEU A 138 7.78 -18.33 -0.24
CA LEU A 138 8.94 -17.57 -0.69
C LEU A 138 8.69 -16.67 -1.90
N ASP A 139 7.92 -17.22 -2.85
CA ASP A 139 7.56 -16.50 -4.08
C ASP A 139 6.72 -15.25 -3.77
N GLY A 140 5.71 -15.42 -2.91
CA GLY A 140 4.84 -14.34 -2.50
C GLY A 140 5.56 -13.25 -1.73
N ILE A 141 6.38 -13.63 -0.76
CA ILE A 141 7.15 -12.64 0.01
C ILE A 141 8.21 -11.93 -0.85
N HIS A 142 8.81 -12.65 -1.81
CA HIS A 142 9.76 -12.04 -2.74
C HIS A 142 9.11 -10.91 -3.54
N TYR A 143 7.88 -11.16 -4.01
CA TYR A 143 7.10 -10.16 -4.73
C TYR A 143 6.85 -8.90 -3.87
N LEU A 144 6.45 -9.12 -2.61
CA LEU A 144 6.20 -8.03 -1.67
C LEU A 144 7.50 -7.26 -1.35
N HIS A 145 8.55 -8.00 -1.03
CA HIS A 145 9.85 -7.40 -0.72
C HIS A 145 10.43 -6.60 -1.88
N ALA A 146 10.29 -7.13 -3.10
CA ALA A 146 10.71 -6.43 -4.33
C ALA A 146 10.00 -5.08 -4.51
N ASN A 147 8.76 -4.99 -4.02
CA ASN A 147 7.98 -3.75 -4.00
C ASN A 147 8.09 -2.97 -2.68
N TRP A 148 9.12 -3.29 -1.88
CA TRP A 148 9.34 -2.67 -0.56
C TRP A 148 8.13 -2.73 0.37
N VAL A 149 7.42 -3.83 0.31
CA VAL A 149 6.29 -4.09 1.20
C VAL A 149 6.74 -5.21 2.11
N LEU A 150 6.77 -4.93 3.42
CA LEU A 150 7.03 -5.92 4.46
C LEU A 150 5.72 -6.51 4.98
N HIS A 151 5.75 -7.77 5.38
CA HIS A 151 4.57 -8.39 5.97
C HIS A 151 4.42 -7.97 7.43
N ARG A 152 5.46 -8.23 8.22
CA ARG A 152 5.62 -7.77 9.63
C ARG A 152 5.00 -8.65 10.71
N ASP A 153 4.31 -9.71 10.32
CA ASP A 153 3.74 -10.68 11.26
C ASP A 153 3.41 -11.99 10.56
N LEU A 154 4.40 -12.57 9.89
CA LEU A 154 4.20 -13.85 9.19
C LEU A 154 4.10 -14.99 10.19
N LYS A 155 3.07 -15.81 10.03
CA LYS A 155 2.84 -16.99 10.88
C LYS A 155 1.88 -17.91 10.13
N PRO A 156 1.71 -19.17 10.59
CA PRO A 156 0.80 -20.08 9.87
C PRO A 156 -0.64 -19.60 9.69
N ALA A 157 -1.20 -18.87 10.65
CA ALA A 157 -2.58 -18.35 10.51
C ALA A 157 -2.79 -17.45 9.27
N ASN A 158 -1.74 -16.72 8.89
N ASN A 158 -1.79 -16.68 8.86
CA ASN A 158 -1.76 -15.81 7.74
CA ASN A 158 -1.93 -15.85 7.65
C ASN A 158 -1.38 -16.42 6.38
C ASN A 158 -1.23 -16.37 6.40
N ILE A 159 -0.88 -17.65 6.38
CA ILE A 159 -0.51 -18.35 5.13
C ILE A 159 -1.74 -19.19 4.75
N LEU A 160 -2.61 -18.61 3.93
CA LEU A 160 -3.84 -19.27 3.51
C LEU A 160 -3.54 -20.19 2.32
N VAL A 161 -4.35 -21.21 2.14
CA VAL A 161 -4.23 -22.14 1.00
C VAL A 161 -5.62 -22.33 0.39
N MET A 162 -5.71 -22.25 -0.94
CA MET A 162 -7.01 -22.36 -1.65
C MET A 162 -7.52 -23.79 -1.70
N GLY A 163 -8.83 -23.95 -1.53
CA GLY A 163 -9.49 -25.26 -1.61
C GLY A 163 -9.87 -25.59 -3.04
N GLU A 164 -10.86 -26.46 -3.19
CA GLU A 164 -11.30 -26.96 -4.51
C GLU A 164 -11.75 -25.81 -5.41
N GLY A 165 -11.43 -25.89 -6.69
CA GLY A 165 -11.65 -24.81 -7.65
C GLY A 165 -10.46 -24.65 -8.57
N PRO A 166 -10.46 -23.59 -9.38
CA PRO A 166 -9.37 -23.38 -10.35
C PRO A 166 -8.02 -22.93 -9.77
N GLU A 167 -7.94 -22.62 -8.47
CA GLU A 167 -6.66 -22.31 -7.81
C GLU A 167 -6.32 -23.28 -6.67
N ARG A 168 -6.78 -24.52 -6.83
CA ARG A 168 -6.60 -25.60 -5.86
C ARG A 168 -5.15 -25.74 -5.39
N GLY A 169 -4.94 -25.65 -4.08
CA GLY A 169 -3.62 -25.80 -3.47
C GLY A 169 -2.65 -24.65 -3.61
N ARG A 170 -3.14 -23.50 -4.04
CA ARG A 170 -2.29 -22.31 -4.17
C ARG A 170 -2.17 -21.58 -2.85
N VAL A 171 -0.95 -21.30 -2.42
CA VAL A 171 -0.70 -20.48 -1.21
C VAL A 171 -1.16 -19.03 -1.51
N LYS A 172 -1.82 -18.41 -0.54
CA LYS A 172 -2.24 -17.01 -0.61
C LYS A 172 -1.83 -16.30 0.70
N ILE A 173 -0.80 -15.46 0.63
CA ILE A 173 -0.34 -14.69 1.82
C ILE A 173 -1.36 -13.60 2.17
N ALA A 174 -1.67 -13.47 3.46
CA ALA A 174 -2.69 -12.52 3.95
C ALA A 174 -2.21 -11.71 5.14
N ASP A 175 -2.99 -10.70 5.48
CA ASP A 175 -2.85 -9.89 6.70
C ASP A 175 -1.49 -9.19 6.88
N MET A 176 -0.96 -8.64 5.80
CA MET A 176 0.26 -7.83 5.87
C MET A 176 0.06 -6.70 6.88
N GLY A 177 1.13 -6.34 7.61
CA GLY A 177 1.09 -5.22 8.55
C GLY A 177 1.02 -3.91 7.77
N PHE A 178 -0.20 -3.45 7.52
CA PHE A 178 -0.43 -2.27 6.67
C PHE A 178 -0.14 -0.98 7.45
N ALA A 179 -0.58 -0.94 8.71
CA ALA A 179 -0.22 0.16 9.62
C ALA A 179 -0.35 -0.25 11.08
N VAL A 197 -0.08 -12.52 24.60
CA VAL A 197 0.51 -12.50 23.24
C VAL A 197 1.59 -13.59 23.09
N THR A 198 1.88 -13.98 21.83
CA THR A 198 2.81 -15.07 21.48
C THR A 198 3.90 -14.57 20.53
N PHE A 199 5.14 -14.95 20.79
CA PHE A 199 6.33 -14.43 20.08
C PHE A 199 7.14 -15.50 19.35
N TRP A 200 6.49 -16.62 19.01
CA TRP A 200 7.16 -17.81 18.49
C TRP A 200 7.81 -17.60 17.12
N TYR A 201 7.30 -16.62 16.35
CA TYR A 201 7.79 -16.36 14.99
C TYR A 201 8.64 -15.09 14.89
N ARG A 202 8.94 -14.45 16.03
CA ARG A 202 9.66 -13.16 16.06
C ARG A 202 11.17 -13.34 16.08
N ALA A 203 11.86 -12.67 15.15
CA ALA A 203 13.32 -12.76 15.04
C ALA A 203 14.01 -12.20 16.30
N PRO A 204 15.18 -12.77 16.70
CA PRO A 204 15.85 -12.35 17.94
C PRO A 204 16.23 -10.86 18.04
N GLU A 205 16.51 -10.19 16.91
CA GLU A 205 16.74 -8.72 16.92
C GLU A 205 15.53 -7.92 17.39
N LEU A 206 14.31 -8.35 17.04
CA LEU A 206 13.08 -7.74 17.59
C LEU A 206 13.02 -7.90 19.12
N LEU A 207 13.32 -9.10 19.60
CA LEU A 207 13.33 -9.41 21.03
C LEU A 207 14.46 -8.68 21.79
N LEU A 208 15.51 -8.26 21.09
CA LEU A 208 16.61 -7.51 21.69
C LEU A 208 16.51 -5.99 21.44
N GLY A 209 15.33 -5.55 20.99
CA GLY A 209 14.96 -4.15 20.95
C GLY A 209 15.14 -3.42 19.63
N ALA A 210 15.25 -4.16 18.51
CA ALA A 210 15.32 -3.52 17.19
C ALA A 210 14.07 -2.64 16.92
N ARG A 211 14.32 -1.44 16.41
CA ARG A 211 13.31 -0.37 16.33
C ARG A 211 12.59 -0.30 14.98
N HIS A 212 12.88 -1.22 14.06
CA HIS A 212 12.34 -1.20 12.71
C HIS A 212 12.12 -2.62 12.18
N TYR A 213 11.00 -2.83 11.50
CA TYR A 213 10.76 -4.03 10.72
C TYR A 213 11.64 -4.05 9.46
N THR A 214 12.15 -5.24 9.13
CA THR A 214 13.02 -5.47 7.99
C THR A 214 12.54 -6.67 7.18
N LYS A 215 13.10 -6.80 5.97
CA LYS A 215 12.94 -7.99 5.14
C LYS A 215 13.44 -9.23 5.87
N ALA A 216 14.57 -9.11 6.54
CA ALA A 216 15.18 -10.20 7.30
C ALA A 216 14.25 -10.78 8.39
N ILE A 217 13.45 -9.92 9.01
CA ILE A 217 12.49 -10.35 10.04
C ILE A 217 11.40 -11.26 9.46
N ASP A 218 10.94 -10.94 8.24
CA ASP A 218 10.02 -11.81 7.52
C ASP A 218 10.67 -13.16 7.20
N ILE A 219 11.93 -13.14 6.73
CA ILE A 219 12.65 -14.37 6.41
C ILE A 219 12.83 -15.29 7.63
N TRP A 220 13.15 -14.74 8.81
CA TRP A 220 13.21 -15.54 10.06
C TRP A 220 11.88 -16.26 10.32
N ALA A 221 10.78 -15.51 10.27
CA ALA A 221 9.43 -16.06 10.40
C ALA A 221 9.13 -17.19 9.40
N ILE A 222 9.62 -17.07 8.17
CA ILE A 222 9.47 -18.11 7.15
C ILE A 222 10.27 -19.35 7.53
N GLY A 223 11.46 -19.15 8.09
CA GLY A 223 12.27 -20.24 8.63
C GLY A 223 11.56 -21.00 9.75
N CYS A 224 10.88 -20.28 10.63
CA CYS A 224 10.10 -20.89 11.74
C CYS A 224 8.95 -21.73 11.23
N ILE A 225 8.23 -21.21 10.22
CA ILE A 225 7.12 -21.90 9.58
C ILE A 225 7.57 -23.21 8.89
N PHE A 226 8.69 -23.14 8.18
CA PHE A 226 9.28 -24.29 7.49
C PHE A 226 9.67 -25.41 8.45
N ALA A 227 10.32 -25.05 9.56
CA ALA A 227 10.60 -25.99 10.66
C ALA A 227 9.32 -26.66 11.17
N GLU A 228 8.31 -25.84 11.46
CA GLU A 228 7.02 -26.32 11.94
C GLU A 228 6.34 -27.25 10.93
N LEU A 229 6.44 -26.92 9.64
CA LEU A 229 5.92 -27.81 8.59
C LEU A 229 6.66 -29.16 8.54
N LEU A 230 7.96 -29.17 8.88
CA LEU A 230 8.74 -30.40 8.88
C LEU A 230 8.47 -31.27 10.11
N THR A 231 8.28 -30.65 11.28
CA THR A 231 8.17 -31.37 12.56
C THR A 231 6.74 -31.42 13.17
N SER A 232 5.81 -30.61 12.65
CA SER A 232 4.45 -30.37 13.21
C SER A 232 4.41 -29.60 14.56
N GLU A 233 5.56 -29.11 15.01
CA GLU A 233 5.71 -28.44 16.30
C GLU A 233 6.34 -27.07 16.06
N PRO A 234 5.85 -26.00 16.75
CA PRO A 234 6.53 -24.72 16.56
C PRO A 234 7.94 -24.77 17.14
N ILE A 235 8.94 -24.43 16.33
CA ILE A 235 10.34 -24.63 16.70
C ILE A 235 10.75 -23.84 17.94
N PHE A 236 10.21 -22.62 18.08
CA PHE A 236 10.49 -21.81 19.27
C PHE A 236 9.23 -21.61 20.12
N HIS A 237 8.43 -22.68 20.23
CA HIS A 237 7.32 -22.74 21.20
C HIS A 237 7.76 -22.34 22.60
N CYS A 238 6.94 -21.53 23.26
CA CYS A 238 7.28 -20.94 24.55
C CYS A 238 5.97 -20.62 25.26
N ARG A 239 5.93 -20.89 26.57
CA ARG A 239 4.77 -20.55 27.42
C ARG A 239 4.49 -19.04 27.44
N GLN A 240 3.22 -18.66 27.53
CA GLN A 240 2.83 -17.25 27.63
C GLN A 240 3.08 -16.70 29.03
N PRO A 248 9.52 -4.95 24.30
CA PRO A 248 10.25 -5.73 23.29
C PRO A 248 11.03 -6.92 23.87
N TYR A 249 11.77 -6.70 24.96
CA TYR A 249 12.58 -7.77 25.58
C TYR A 249 11.71 -8.85 26.27
N HIS A 250 11.79 -10.07 25.75
CA HIS A 250 11.05 -11.21 26.26
C HIS A 250 12.01 -12.37 26.55
N HIS A 251 12.39 -12.49 27.83
CA HIS A 251 13.42 -13.41 28.32
C HIS A 251 13.18 -14.87 27.96
N ASP A 252 11.97 -15.35 28.26
CA ASP A 252 11.63 -16.76 28.06
C ASP A 252 11.64 -17.14 26.58
N GLN A 253 11.20 -16.24 25.71
CA GLN A 253 11.27 -16.46 24.25
C GLN A 253 12.71 -16.61 23.75
N LEU A 254 13.59 -15.71 24.23
CA LEU A 254 15.03 -15.80 23.93
C LEU A 254 15.66 -17.08 24.45
N ASP A 255 15.29 -17.48 25.66
CA ASP A 255 15.76 -18.74 26.25
C ASP A 255 15.43 -19.94 25.34
N ARG A 256 14.23 -19.96 24.79
CA ARG A 256 13.81 -21.03 23.89
C ARG A 256 14.57 -21.00 22.54
N ILE A 257 14.88 -19.80 22.04
CA ILE A 257 15.69 -19.68 20.84
C ILE A 257 17.09 -20.23 21.10
N PHE A 258 17.66 -19.93 22.26
CA PHE A 258 19.01 -20.41 22.60
C PHE A 258 19.04 -21.92 22.92
N ASN A 259 18.03 -22.43 23.63
CA ASN A 259 17.88 -23.89 23.79
C ASN A 259 17.81 -24.65 22.46
N VAL A 260 17.22 -24.04 21.43
CA VAL A 260 17.18 -24.65 20.10
C VAL A 260 18.50 -24.38 19.37
N MET A 261 18.84 -23.12 19.19
CA MET A 261 19.92 -22.70 18.28
C MET A 261 21.32 -22.71 18.87
N GLY A 262 21.42 -22.73 20.20
CA GLY A 262 22.65 -22.41 20.89
C GLY A 262 22.75 -20.91 21.09
N PHE A 263 23.67 -20.48 21.93
CA PHE A 263 23.89 -19.08 22.22
C PHE A 263 24.90 -18.57 21.18
N PRO A 264 24.61 -17.41 20.54
CA PRO A 264 25.44 -16.96 19.43
C PRO A 264 26.84 -16.55 19.88
N ALA A 265 27.88 -17.12 19.27
CA ALA A 265 29.24 -16.63 19.48
C ALA A 265 29.34 -15.20 18.93
N ASP A 266 30.33 -14.44 19.41
CA ASP A 266 30.54 -13.06 18.96
C ASP A 266 30.76 -13.00 17.44
N LYS A 267 31.59 -13.92 16.93
CA LYS A 267 31.83 -14.07 15.49
C LYS A 267 30.57 -14.30 14.63
N ASP A 268 29.56 -14.97 15.20
CA ASP A 268 28.29 -15.24 14.50
C ASP A 268 27.38 -14.00 14.37
N TRP A 269 27.51 -13.03 15.27
CA TRP A 269 26.63 -11.86 15.31
C TRP A 269 27.39 -10.71 15.99
N GLU A 270 28.27 -10.08 15.23
CA GLU A 270 29.20 -9.07 15.77
C GLU A 270 28.48 -7.82 16.27
N ASP A 271 27.45 -7.39 15.56
CA ASP A 271 26.66 -6.22 15.95
C ASP A 271 25.55 -6.50 17.00
N ILE A 272 25.52 -7.70 17.60
CA ILE A 272 24.63 -7.97 18.74
C ILE A 272 24.85 -6.96 19.89
N LYS A 273 26.10 -6.50 20.06
CA LYS A 273 26.49 -5.44 21.03
C LYS A 273 25.76 -4.10 20.86
N LYS A 274 25.33 -3.83 19.62
CA LYS A 274 24.61 -2.60 19.28
C LYS A 274 23.12 -2.68 19.51
N MET A 275 22.59 -3.87 19.84
CA MET A 275 21.18 -4.02 20.18
C MET A 275 20.91 -3.31 21.51
N PRO A 276 19.81 -2.52 21.61
CA PRO A 276 19.46 -1.78 22.83
C PRO A 276 19.44 -2.63 24.09
N GLU A 277 18.93 -3.86 24.00
CA GLU A 277 18.83 -4.77 25.14
C GLU A 277 20.03 -5.69 25.30
N HIS A 278 21.16 -5.40 24.64
CA HIS A 278 22.32 -6.28 24.73
C HIS A 278 22.84 -6.48 26.16
N SER A 279 22.85 -5.42 26.96
CA SER A 279 23.30 -5.54 28.35
C SER A 279 22.33 -6.34 29.23
N THR A 280 21.03 -6.20 28.98
CA THR A 280 20.02 -7.00 29.65
C THR A 280 20.25 -8.49 29.34
N LEU A 281 20.52 -8.80 28.07
CA LEU A 281 20.89 -10.16 27.64
C LEU A 281 22.09 -10.68 28.43
N MET A 282 23.13 -9.86 28.55
CA MET A 282 24.34 -10.25 29.27
C MET A 282 24.06 -10.42 30.75
N LYS A 283 23.22 -9.56 31.30
CA LYS A 283 22.82 -9.66 32.70
C LYS A 283 22.08 -10.98 32.96
N ASP A 284 21.13 -11.32 32.09
CA ASP A 284 20.21 -12.44 32.34
C ASP A 284 20.71 -13.81 31.85
N PHE A 285 21.61 -13.84 30.88
CA PHE A 285 22.04 -15.08 30.23
C PHE A 285 23.55 -15.31 30.30
N ARG A 286 23.91 -16.60 30.33
CA ARG A 286 25.27 -17.09 30.21
C ARG A 286 25.31 -18.12 29.08
N ARG A 287 26.32 -18.02 28.21
CA ARG A 287 26.44 -18.92 27.05
C ARG A 287 26.73 -20.38 27.42
N ASN A 288 27.43 -20.55 28.55
CA ASN A 288 27.66 -21.86 29.20
C ASN A 288 26.40 -22.73 29.27
N THR A 289 25.28 -22.11 29.65
CA THR A 289 23.98 -22.76 29.75
C THR A 289 23.57 -23.55 28.51
N TYR A 290 23.96 -23.08 27.32
CA TYR A 290 23.50 -23.63 26.04
C TYR A 290 24.56 -24.35 25.22
N THR A 291 25.68 -24.75 25.83
CA THR A 291 26.81 -25.37 25.08
C THR A 291 26.51 -26.69 24.34
N ASN A 292 25.51 -27.46 24.79
CA ASN A 292 25.07 -28.68 24.08
C ASN A 292 23.89 -28.45 23.12
N CYS A 293 23.57 -27.19 22.83
CA CYS A 293 22.40 -26.85 22.02
C CYS A 293 22.82 -26.43 20.60
N SER A 294 22.09 -26.95 19.61
CA SER A 294 22.31 -26.60 18.21
C SER A 294 21.09 -27.00 17.37
N LEU A 295 20.89 -26.30 16.26
CA LEU A 295 19.79 -26.59 15.35
C LEU A 295 19.89 -28.03 14.82
N ILE A 296 21.13 -28.50 14.61
CA ILE A 296 21.39 -29.86 14.16
C ILE A 296 20.80 -30.89 15.13
N LYS A 297 21.07 -30.69 16.44
CA LYS A 297 20.58 -31.58 17.50
C LYS A 297 19.06 -31.53 17.61
N TYR A 298 18.48 -30.34 17.56
CA TYR A 298 17.02 -30.21 17.59
C TYR A 298 16.37 -30.95 16.42
N MET A 299 16.83 -30.71 15.19
CA MET A 299 16.20 -31.31 14.01
C MET A 299 16.39 -32.84 13.94
N GLU A 300 17.58 -33.32 14.32
CA GLU A 300 17.81 -34.78 14.47
C GLU A 300 16.80 -35.48 15.38
N LYS A 301 16.38 -34.82 16.47
CA LYS A 301 15.36 -35.37 17.38
C LYS A 301 14.02 -35.56 16.66
N HIS A 302 13.73 -34.69 15.70
CA HIS A 302 12.49 -34.72 14.91
C HIS A 302 12.62 -35.41 13.55
N LYS A 303 13.61 -36.30 13.41
CA LYS A 303 13.78 -37.14 12.22
C LYS A 303 13.95 -36.34 10.92
N VAL A 304 14.69 -35.24 11.01
CA VAL A 304 15.11 -34.45 9.85
C VAL A 304 16.63 -34.57 9.83
N LYS A 305 17.16 -35.16 8.76
CA LYS A 305 18.59 -35.48 8.70
C LYS A 305 19.40 -34.19 8.48
N PRO A 306 20.47 -33.99 9.27
CA PRO A 306 21.28 -32.78 9.08
C PRO A 306 22.07 -32.71 7.75
N ASP A 307 22.18 -33.82 7.01
CA ASP A 307 22.80 -33.80 5.69
C ASP A 307 21.82 -33.48 4.56
N SER A 308 20.53 -33.34 4.85
CA SER A 308 19.52 -33.07 3.83
C SER A 308 19.56 -31.61 3.32
N LYS A 309 19.15 -31.39 2.07
CA LYS A 309 19.06 -30.04 1.49
C LYS A 309 18.01 -29.21 2.22
N ALA A 310 16.91 -29.87 2.62
CA ALA A 310 15.92 -29.28 3.54
C ALA A 310 16.59 -28.58 4.70
N PHE A 311 17.43 -29.31 5.43
CA PHE A 311 18.09 -28.78 6.64
C PHE A 311 19.04 -27.60 6.35
N HIS A 312 19.86 -27.73 5.31
CA HIS A 312 20.79 -26.67 4.95
C HIS A 312 20.06 -25.38 4.59
N LEU A 313 18.94 -25.50 3.89
CA LEU A 313 18.12 -24.34 3.58
C LEU A 313 17.55 -23.73 4.85
N LEU A 314 16.92 -24.54 5.68
CA LEU A 314 16.35 -24.09 6.97
C LEU A 314 17.37 -23.32 7.83
N GLN A 315 18.60 -23.83 7.88
CA GLN A 315 19.66 -23.20 8.69
C GLN A 315 20.06 -21.82 8.15
N LYS A 316 20.04 -21.68 6.83
CA LYS A 316 20.25 -20.38 6.20
C LYS A 316 19.13 -19.39 6.53
N LEU A 317 17.87 -19.84 6.52
CA LEU A 317 16.74 -18.97 6.89
C LEU A 317 16.78 -18.61 8.38
N LEU A 318 17.05 -19.61 9.24
CA LEU A 318 17.19 -19.42 10.71
C LEU A 318 18.62 -19.07 11.18
N THR A 319 19.20 -18.05 10.56
CA THR A 319 20.49 -17.48 10.98
C THR A 319 20.18 -16.34 11.94
N MET A 320 20.89 -16.32 13.07
CA MET A 320 20.58 -15.40 14.16
C MET A 320 20.86 -13.96 13.76
N ASP A 321 22.01 -13.72 13.14
CA ASP A 321 22.39 -12.38 12.69
C ASP A 321 21.59 -12.05 11.44
N PRO A 322 20.71 -11.03 11.52
CA PRO A 322 19.89 -10.70 10.36
C PRO A 322 20.66 -10.38 9.07
N ILE A 323 21.85 -9.75 9.17
CA ILE A 323 22.65 -9.52 7.94
C ILE A 323 23.27 -10.80 7.34
N LYS A 324 23.31 -11.92 8.09
CA LYS A 324 23.78 -13.23 7.59
C LYS A 324 22.64 -14.19 7.19
N ARG A 325 21.43 -13.64 7.14
CA ARG A 325 20.25 -14.40 6.80
C ARG A 325 20.05 -14.31 5.28
N ILE A 326 19.66 -15.42 4.68
CA ILE A 326 19.40 -15.52 3.24
C ILE A 326 18.18 -14.65 2.86
N THR A 327 18.14 -14.15 1.62
CA THR A 327 16.99 -13.40 1.12
C THR A 327 16.00 -14.35 0.45
N SER A 328 14.76 -13.89 0.26
CA SER A 328 13.71 -14.72 -0.36
C SER A 328 14.11 -15.24 -1.75
N GLU A 329 14.75 -14.39 -2.55
CA GLU A 329 15.24 -14.76 -3.91
C GLU A 329 16.32 -15.84 -3.90
N GLN A 330 17.29 -15.69 -2.99
CA GLN A 330 18.38 -16.67 -2.85
C GLN A 330 17.80 -18.02 -2.38
N ALA A 331 16.86 -17.98 -1.44
CA ALA A 331 16.15 -19.19 -0.97
C ALA A 331 15.41 -19.92 -2.10
N MET A 332 14.70 -19.17 -2.96
CA MET A 332 14.02 -19.76 -4.14
C MET A 332 14.97 -20.43 -5.14
N GLN A 333 16.21 -19.94 -5.21
CA GLN A 333 17.25 -20.56 -6.05
C GLN A 333 17.93 -21.79 -5.39
N ASP A 334 17.66 -22.05 -4.10
CA ASP A 334 18.30 -23.16 -3.39
C ASP A 334 18.09 -24.51 -4.11
N PRO A 335 19.14 -25.38 -4.13
CA PRO A 335 19.01 -26.69 -4.76
C PRO A 335 18.01 -27.67 -4.12
N TYR A 336 17.50 -27.37 -2.92
CA TYR A 336 16.35 -28.05 -2.32
C TYR A 336 15.17 -28.15 -3.29
N PHE A 337 14.94 -27.09 -4.04
CA PHE A 337 13.81 -27.01 -4.97
C PHE A 337 14.03 -27.63 -6.33
N LEU A 338 15.27 -28.05 -6.59
CA LEU A 338 15.64 -28.85 -7.77
C LEU A 338 15.74 -30.36 -7.48
N GLU A 339 15.85 -30.73 -6.21
CA GLU A 339 15.89 -32.12 -5.76
C GLU A 339 14.51 -32.75 -5.91
N ASP A 340 14.45 -34.00 -6.34
CA ASP A 340 13.21 -34.79 -6.29
C ASP A 340 12.63 -34.82 -4.85
N PRO A 341 11.34 -34.50 -4.68
CA PRO A 341 10.32 -34.11 -5.65
C PRO A 341 10.34 -32.62 -5.91
N LEU A 342 10.09 -32.21 -7.16
CA LEU A 342 9.93 -30.79 -7.50
C LEU A 342 8.67 -30.21 -6.87
N PRO A 343 8.69 -28.89 -6.53
CA PRO A 343 7.47 -28.28 -6.03
C PRO A 343 6.37 -28.27 -7.08
N THR A 344 5.12 -28.32 -6.64
CA THR A 344 3.99 -28.26 -7.57
C THR A 344 3.15 -27.01 -7.32
N SER A 345 2.49 -26.55 -8.37
CA SER A 345 1.57 -25.41 -8.32
C SER A 345 0.40 -25.60 -7.33
N ASP A 346 -0.17 -26.81 -7.34
CA ASP A 346 -1.17 -27.29 -6.36
C ASP A 346 -0.38 -28.03 -5.30
N VAL A 347 -0.33 -27.48 -4.08
CA VAL A 347 0.44 -28.12 -3.00
C VAL A 347 -0.11 -29.48 -2.54
N PHE A 348 -1.35 -29.81 -2.92
CA PHE A 348 -1.92 -31.16 -2.66
C PHE A 348 -1.61 -32.20 -3.76
N ALA A 349 -1.01 -31.76 -4.87
CA ALA A 349 -0.51 -32.66 -5.92
C ALA A 349 -1.61 -33.52 -6.56
N GLY A 350 -2.78 -32.91 -6.80
CA GLY A 350 -3.95 -33.64 -7.29
C GLY A 350 -4.60 -34.65 -6.35
N CYS A 351 -4.09 -34.80 -5.12
CA CYS A 351 -4.63 -35.74 -4.13
C CYS A 351 -5.84 -35.12 -3.43
N GLN A 352 -6.58 -35.94 -2.69
CA GLN A 352 -7.80 -35.48 -2.00
C GLN A 352 -7.42 -34.61 -0.81
N ILE A 353 -8.23 -33.57 -0.56
CA ILE A 353 -8.03 -32.66 0.56
C ILE A 353 -8.78 -33.24 1.79
N PRO A 354 -8.02 -33.72 2.81
CA PRO A 354 -8.68 -34.25 4.02
C PRO A 354 -9.05 -33.16 5.06
N TYR A 355 -8.59 -31.93 4.84
CA TYR A 355 -8.74 -30.84 5.83
C TYR A 355 -10.17 -30.33 5.79
N PRO A 356 -10.79 -30.11 6.97
CA PRO A 356 -12.18 -29.69 7.02
C PRO A 356 -12.39 -28.22 6.62
N LYS A 357 -13.55 -27.96 6.02
CA LYS A 357 -13.96 -26.62 5.61
C LYS A 357 -14.22 -25.71 6.82
N ARG A 358 -14.24 -24.40 6.56
CA ARG A 358 -14.36 -23.40 7.63
C ARG A 358 -15.73 -23.48 8.31
N GLU A 359 -15.73 -23.43 9.64
CA GLU A 359 -16.98 -23.47 10.40
C GLU A 359 -17.68 -22.12 10.34
N PHE A 360 -19.01 -22.14 10.20
CA PHE A 360 -19.80 -20.92 10.30
C PHE A 360 -19.94 -20.49 11.76
N LEU A 361 -19.95 -19.18 11.98
CA LEU A 361 -20.09 -18.59 13.32
C LEU A 361 -21.44 -17.91 13.46
N THR A 362 -21.87 -17.71 14.71
CA THR A 362 -23.08 -16.96 15.02
C THR A 362 -22.80 -15.45 14.89
N GLU A 363 -23.87 -14.67 14.72
CA GLU A 363 -23.79 -13.21 14.58
C GLU A 363 -23.73 -12.49 15.96
N GLU A 364 -23.07 -13.10 16.96
CA GLU A 364 -23.11 -12.64 18.36
C GLU A 364 -21.71 -12.51 18.96
N LYS B 1 9.73 2.50 0.70
CA LYS B 1 9.39 3.12 -0.60
C LYS B 1 8.41 2.22 -1.39
N ALA B 2 7.25 1.98 -0.77
CA ALA B 2 6.24 0.99 -1.21
C ALA B 2 5.82 1.17 -2.68
N MET B 3 5.85 0.09 -3.45
CA MET B 3 5.44 0.06 -4.87
C MET B 3 6.27 0.93 -5.85
N ALA B 4 7.47 1.33 -5.45
CA ALA B 4 8.23 2.39 -6.15
C ALA B 4 8.61 2.12 -7.61
N GLY B 5 8.79 0.85 -7.96
CA GLY B 5 9.11 0.45 -9.33
C GLY B 5 8.01 -0.31 -10.05
N ASN B 6 6.75 -0.10 -9.62
CA ASN B 6 5.61 -0.83 -10.18
C ASN B 6 4.75 0.02 -11.14
N PHE B 7 5.21 1.23 -11.49
CA PHE B 7 4.39 2.15 -12.29
C PHE B 7 3.65 1.50 -13.48
N TRP B 8 4.33 0.64 -14.23
CA TRP B 8 3.73 0.01 -15.44
C TRP B 8 2.65 -1.05 -15.17
N GLN B 9 2.50 -1.47 -13.91
CA GLN B 9 1.41 -2.35 -13.50
C GLN B 9 0.50 -1.67 -12.46
N SER B 10 0.63 -0.35 -12.34
CA SER B 10 -0.05 0.42 -11.29
C SER B 10 -1.41 0.88 -11.76
N SER B 11 -2.26 1.24 -10.80
CA SER B 11 -3.58 1.80 -11.12
C SER B 11 -3.48 3.23 -11.69
N HIS B 12 -2.44 3.96 -11.29
CA HIS B 12 -2.18 5.30 -11.80
C HIS B 12 -2.04 5.21 -13.33
N TYR B 13 -1.15 4.33 -13.81
CA TYR B 13 -0.91 4.16 -15.24
C TYR B 13 -2.09 3.55 -15.99
N LEU B 14 -2.60 2.43 -15.49
CA LEU B 14 -3.66 1.68 -16.16
C LEU B 14 -5.05 2.35 -16.11
N GLN B 15 -5.34 3.12 -15.07
CA GLN B 15 -6.65 3.81 -14.96
C GLN B 15 -6.61 5.35 -14.99
N TRP B 16 -5.55 5.97 -14.50
CA TRP B 16 -5.54 7.43 -14.26
C TRP B 16 -4.55 8.25 -15.10
N ILE B 17 -4.04 7.66 -16.18
CA ILE B 17 -3.47 8.41 -17.30
C ILE B 17 -4.58 8.55 -18.35
N LEU B 18 -5.16 9.73 -18.46
CA LEU B 18 -6.38 9.93 -19.24
C LEU B 18 -6.05 10.42 -20.65
N ASP B 19 -6.98 10.21 -21.58
CA ASP B 19 -6.88 10.79 -22.94
C ASP B 19 -7.33 12.26 -22.89
N LYS B 20 -6.60 13.12 -23.58
CA LYS B 20 -6.87 14.57 -23.57
C LYS B 20 -8.25 14.94 -24.12
N GLN B 21 -8.71 14.24 -25.17
CA GLN B 21 -10.03 14.46 -25.75
C GLN B 21 -11.20 14.20 -24.78
N ASP B 22 -11.10 13.12 -23.99
CA ASP B 22 -12.13 12.78 -22.99
C ASP B 22 -12.20 13.83 -21.89
N LEU B 23 -11.03 14.22 -21.39
CA LEU B 23 -10.89 15.30 -20.41
C LEU B 23 -11.61 16.57 -20.85
N LEU B 24 -11.29 17.05 -22.05
CA LEU B 24 -11.92 18.26 -22.62
C LEU B 24 -13.38 18.04 -23.04
N LYS B 25 -13.80 16.80 -23.29
CA LYS B 25 -15.22 16.49 -23.53
C LYS B 25 -16.05 16.61 -22.22
N GLU B 26 -15.55 16.03 -21.13
CA GLU B 26 -16.22 16.13 -19.81
C GLU B 26 -16.23 17.55 -19.23
N ARG B 27 -15.25 18.36 -19.63
CA ARG B 27 -15.11 19.73 -19.17
C ARG B 27 -16.10 20.71 -19.83
N GLN B 28 -16.74 20.30 -20.93
CA GLN B 28 -17.67 21.20 -21.66
C GLN B 28 -18.89 21.67 -20.85
N LYS B 29 -19.32 20.84 -19.89
CA LYS B 29 -20.41 21.20 -18.99
C LYS B 29 -20.08 22.45 -18.16
N ASP B 30 -18.87 22.49 -17.60
CA ASP B 30 -18.38 23.65 -16.85
C ASP B 30 -18.01 24.84 -17.76
N LEU B 31 -17.67 24.56 -19.02
CA LEU B 31 -17.35 25.62 -19.98
C LEU B 31 -18.56 26.38 -20.56
N LYS B 32 -19.78 25.98 -20.18
CA LYS B 32 -20.99 26.81 -20.42
C LYS B 32 -21.01 28.05 -19.52
N PHE B 33 -20.47 27.92 -18.30
CA PHE B 33 -20.45 28.98 -17.28
C PHE B 33 -19.15 29.80 -17.26
N LEU B 34 -18.02 29.10 -17.40
CA LEU B 34 -16.68 29.67 -17.38
C LEU B 34 -16.07 29.53 -18.76
N SER B 35 -15.24 30.49 -19.17
CA SER B 35 -14.45 30.34 -20.39
C SER B 35 -13.30 29.37 -20.11
N GLU B 36 -12.64 28.93 -21.18
CA GLU B 36 -11.42 28.10 -21.09
C GLU B 36 -10.36 28.78 -20.22
N GLU B 37 -10.19 30.08 -20.46
CA GLU B 37 -9.21 30.90 -19.74
C GLU B 37 -9.48 30.87 -18.23
N GLU B 38 -10.73 31.14 -17.87
CA GLU B 38 -11.15 31.16 -16.47
C GLU B 38 -11.04 29.79 -15.80
N TYR B 39 -11.26 28.73 -16.56
CA TYR B 39 -11.10 27.36 -16.04
C TYR B 39 -9.64 27.07 -15.68
N TRP B 40 -8.69 27.43 -16.56
CA TRP B 40 -7.27 27.22 -16.21
C TRP B 40 -6.81 28.09 -15.02
N LYS B 41 -7.39 29.29 -14.91
CA LYS B 41 -7.16 30.17 -13.75
C LYS B 41 -7.70 29.61 -12.42
N LEU B 42 -8.88 29.00 -12.47
CA LEU B 42 -9.42 28.25 -11.32
C LEU B 42 -8.49 27.13 -10.88
N GLN B 43 -7.93 26.41 -11.85
CA GLN B 43 -7.03 25.29 -11.58
C GLN B 43 -5.76 25.77 -10.88
N ILE B 44 -5.21 26.89 -11.35
CA ILE B 44 -4.05 27.52 -10.68
C ILE B 44 -4.41 27.90 -9.24
N PHE B 45 -5.56 28.55 -9.07
CA PHE B 45 -6.01 29.01 -7.76
C PHE B 45 -6.08 27.87 -6.75
N PHE B 46 -6.80 26.81 -7.12
CA PHE B 46 -7.02 25.67 -6.22
C PHE B 46 -5.80 24.80 -6.00
N THR B 47 -4.87 24.78 -6.96
CA THR B 47 -3.51 24.26 -6.72
C THR B 47 -2.80 25.04 -5.59
N ASN B 48 -2.91 26.35 -5.60
CA ASN B 48 -2.28 27.19 -4.59
C ASN B 48 -2.93 27.06 -3.19
N VAL B 49 -4.26 26.90 -3.15
CA VAL B 49 -4.98 26.63 -1.89
C VAL B 49 -4.46 25.34 -1.27
N ILE B 50 -4.31 24.30 -2.09
CA ILE B 50 -3.84 23.00 -1.60
C ILE B 50 -2.37 23.07 -1.12
N GLN B 51 -1.50 23.75 -1.86
CA GLN B 51 -0.11 24.00 -1.43
C GLN B 51 -0.07 24.76 -0.11
N ALA B 52 -0.92 25.76 0.04
CA ALA B 52 -0.97 26.55 1.28
C ALA B 52 -1.48 25.71 2.48
N LEU B 53 -2.44 24.83 2.23
CA LEU B 53 -2.95 23.91 3.26
C LEU B 53 -1.86 22.96 3.75
N GLY B 54 -1.14 22.35 2.81
CA GLY B 54 0.02 21.50 3.12
C GLY B 54 1.16 22.22 3.83
N GLU B 55 1.50 23.41 3.37
CA GLU B 55 2.53 24.24 4.04
C GLU B 55 2.16 24.55 5.48
N HIS B 56 0.92 24.98 5.69
CA HIS B 56 0.41 25.24 7.05
C HIS B 56 0.45 23.97 7.93
N LEU B 57 0.12 22.81 7.36
CA LEU B 57 0.12 21.54 8.10
C LEU B 57 1.51 20.88 8.19
N LYS B 58 2.53 21.47 7.58
CA LYS B 58 3.91 20.97 7.64
C LYS B 58 4.05 19.57 7.03
N LEU B 59 3.34 19.33 5.92
CA LEU B 59 3.40 18.08 5.17
C LEU B 59 4.48 18.18 4.09
N ARG B 60 5.09 17.03 3.76
CA ARG B 60 6.12 16.96 2.71
C ARG B 60 5.46 17.21 1.35
N GLN B 61 6.27 17.70 0.41
CA GLN B 61 5.81 18.04 -0.93
C GLN B 61 5.11 16.89 -1.68
N GLN B 62 5.52 15.66 -1.41
CA GLN B 62 4.95 14.46 -2.04
C GLN B 62 3.50 14.30 -1.61
N VAL B 63 3.20 14.59 -0.33
CA VAL B 63 1.84 14.48 0.22
C VAL B 63 0.95 15.56 -0.35
N ILE B 64 1.49 16.78 -0.49
CA ILE B 64 0.80 17.88 -1.17
C ILE B 64 0.50 17.55 -2.64
N ALA B 65 1.46 16.92 -3.31
CA ALA B 65 1.31 16.52 -4.72
C ALA B 65 0.21 15.46 -4.91
N THR B 66 0.15 14.48 -4.01
CA THR B 66 -0.86 13.42 -4.05
C THR B 66 -2.25 14.00 -3.80
N ALA B 67 -2.35 14.93 -2.86
CA ALA B 67 -3.60 15.63 -2.58
C ALA B 67 -4.09 16.40 -3.79
N THR B 68 -3.14 16.97 -4.52
CA THR B 68 -3.43 17.76 -5.71
C THR B 68 -3.89 16.89 -6.85
N VAL B 69 -3.30 15.70 -6.96
CA VAL B 69 -3.69 14.73 -7.97
C VAL B 69 -5.12 14.25 -7.71
N TYR B 70 -5.46 13.99 -6.44
CA TYR B 70 -6.83 13.57 -6.05
C TYR B 70 -7.87 14.58 -6.48
N PHE B 71 -7.62 15.83 -6.11
CA PHE B 71 -8.50 16.96 -6.44
C PHE B 71 -8.76 17.05 -7.95
N LYS B 72 -7.69 16.98 -8.74
CA LYS B 72 -7.77 17.00 -10.22
C LYS B 72 -8.53 15.82 -10.82
N ARG B 73 -8.32 14.63 -10.27
CA ARG B 73 -9.02 13.44 -10.74
C ARG B 73 -10.53 13.61 -10.57
N PHE B 74 -10.93 14.19 -9.43
CA PHE B 74 -12.34 14.33 -9.11
C PHE B 74 -13.04 15.22 -10.13
N TYR B 75 -12.45 16.39 -10.37
CA TYR B 75 -12.99 17.36 -11.32
C TYR B 75 -12.63 17.13 -12.81
N ALA B 76 -11.77 16.15 -13.10
CA ALA B 76 -11.65 15.61 -14.47
C ALA B 76 -12.92 14.88 -14.88
N ARG B 77 -13.56 14.26 -13.91
CA ARG B 77 -14.78 13.46 -14.15
C ARG B 77 -16.07 14.23 -13.85
N TYR B 78 -16.07 15.05 -12.80
CA TYR B 78 -17.28 15.76 -12.36
C TYR B 78 -17.17 17.26 -12.45
N SER B 79 -18.35 17.88 -12.51
CA SER B 79 -18.47 19.32 -12.55
C SER B 79 -18.06 19.94 -11.22
N LEU B 80 -17.66 21.21 -11.30
CA LEU B 80 -17.26 22.00 -10.15
C LEU B 80 -18.43 22.26 -9.17
N LYS B 81 -19.68 22.14 -9.64
CA LYS B 81 -20.87 22.26 -8.79
C LYS B 81 -21.22 20.98 -7.99
N SER B 82 -20.58 19.85 -8.29
CA SER B 82 -20.88 18.57 -7.63
C SER B 82 -20.66 18.65 -6.14
N ILE B 83 -19.43 19.03 -5.78
CA ILE B 83 -19.03 19.27 -4.41
C ILE B 83 -18.23 20.57 -4.43
N ASP B 84 -18.43 21.40 -3.41
CA ASP B 84 -17.74 22.67 -3.26
C ASP B 84 -16.23 22.40 -3.26
N PRO B 85 -15.47 23.00 -4.21
CA PRO B 85 -14.01 22.79 -4.18
C PRO B 85 -13.34 23.31 -2.91
N VAL B 86 -13.97 24.25 -2.22
CA VAL B 86 -13.51 24.70 -0.91
C VAL B 86 -13.60 23.58 0.12
N LEU B 87 -14.61 22.70 -0.02
CA LEU B 87 -14.71 21.48 0.81
C LEU B 87 -13.71 20.44 0.32
N MET B 88 -13.66 20.21 -0.99
CA MET B 88 -12.80 19.18 -1.59
C MET B 88 -11.29 19.41 -1.36
N ALA B 89 -10.83 20.66 -1.37
CA ALA B 89 -9.38 20.91 -1.21
C ALA B 89 -8.80 20.32 0.10
N PRO B 90 -9.36 20.68 1.27
CA PRO B 90 -8.89 20.07 2.51
C PRO B 90 -9.20 18.57 2.65
N THR B 91 -10.28 18.08 2.03
CA THR B 91 -10.58 16.64 2.04
C THR B 91 -9.46 15.84 1.38
N CYS B 92 -8.96 16.36 0.25
CA CYS B 92 -7.90 15.69 -0.50
C CYS B 92 -6.60 15.63 0.29
N VAL B 93 -6.27 16.74 0.94
CA VAL B 93 -5.10 16.80 1.83
C VAL B 93 -5.23 15.86 3.05
N PHE B 94 -6.44 15.74 3.60
CA PHE B 94 -6.72 14.82 4.71
C PHE B 94 -6.49 13.38 4.27
N LEU B 95 -7.08 12.99 3.14
CA LEU B 95 -6.99 11.62 2.65
C LEU B 95 -5.54 11.25 2.26
N ALA B 96 -4.86 12.15 1.57
CA ALA B 96 -3.46 11.94 1.18
C ALA B 96 -2.54 11.80 2.36
N SER B 97 -2.84 12.51 3.44
CA SER B 97 -2.04 12.44 4.67
C SER B 97 -2.13 11.07 5.35
N LYS B 98 -3.28 10.43 5.25
CA LYS B 98 -3.47 9.08 5.78
C LYS B 98 -2.75 8.03 4.94
N VAL B 99 -2.70 8.23 3.62
CA VAL B 99 -2.04 7.31 2.69
C VAL B 99 -0.53 7.35 2.91
N GLU B 100 0.02 8.57 2.97
CA GLU B 100 1.47 8.81 2.99
C GLU B 100 2.16 8.63 4.34
N GLU B 101 1.45 8.02 5.31
CA GLU B 101 2.04 7.50 6.57
C GLU B 101 2.57 8.56 7.56
N PHE B 102 2.21 9.82 7.36
CA PHE B 102 2.53 10.91 8.30
C PHE B 102 1.62 10.83 9.53
N GLY B 103 0.31 10.89 9.29
CA GLY B 103 -0.69 10.74 10.35
C GLY B 103 -2.11 11.06 9.92
N VAL B 104 -3.09 10.58 10.71
CA VAL B 104 -4.47 11.03 10.56
C VAL B 104 -4.50 12.42 11.17
N VAL B 105 -4.13 13.42 10.35
CA VAL B 105 -4.07 14.83 10.77
C VAL B 105 -5.26 15.12 11.65
N SER B 106 -5.01 15.64 12.85
CA SER B 106 -6.07 15.86 13.82
C SER B 106 -7.25 16.60 13.19
N ASN B 107 -8.45 16.21 13.60
CA ASN B 107 -9.69 16.79 13.08
C ASN B 107 -9.73 18.29 13.35
N THR B 108 -9.46 18.65 14.60
CA THR B 108 -9.33 20.05 15.00
C THR B 108 -8.19 20.79 14.28
N ARG B 109 -7.07 20.11 14.00
CA ARG B 109 -5.95 20.71 13.26
C ARG B 109 -6.22 20.86 11.75
N LEU B 110 -6.97 19.93 11.15
CA LEU B 110 -7.37 20.06 9.75
C LEU B 110 -8.31 21.24 9.55
N ILE B 111 -9.32 21.37 10.43
CA ILE B 111 -10.28 22.47 10.33
C ILE B 111 -9.61 23.82 10.62
N ALA B 112 -8.75 23.89 11.65
CA ALA B 112 -8.02 25.14 12.00
C ALA B 112 -7.11 25.61 10.87
N ALA B 113 -6.42 24.66 10.22
CA ALA B 113 -5.62 24.92 9.02
C ALA B 113 -6.46 25.49 7.87
N ALA B 114 -7.63 24.89 7.62
CA ALA B 114 -8.55 25.35 6.58
C ALA B 114 -9.03 26.78 6.86
N THR B 115 -9.44 27.04 8.11
CA THR B 115 -9.93 28.36 8.49
C THR B 115 -8.86 29.43 8.38
N SER B 116 -7.69 29.14 8.96
CA SER B 116 -6.58 30.11 9.00
C SER B 116 -5.98 30.37 7.60
N VAL B 117 -5.83 29.35 6.78
CA VAL B 117 -5.28 29.52 5.41
C VAL B 117 -6.17 30.42 4.54
N LEU B 118 -7.49 30.22 4.58
CA LEU B 118 -8.42 31.06 3.80
C LEU B 118 -8.55 32.51 4.33
N LYS B 119 -8.51 32.68 5.64
CA LYS B 119 -8.54 34.02 6.26
C LYS B 119 -7.23 34.78 5.96
N THR B 120 -6.11 34.15 6.25
CA THR B 120 -4.80 34.81 6.22
C THR B 120 -4.24 35.03 4.82
N ARG B 121 -4.38 34.04 3.95
CA ARG B 121 -3.73 34.04 2.63
C ARG B 121 -4.66 34.14 1.41
N PHE B 122 -5.98 34.01 1.59
CA PHE B 122 -6.94 34.08 0.47
C PHE B 122 -8.16 34.96 0.73
N SER B 123 -8.03 36.00 1.55
CA SER B 123 -9.16 36.89 1.86
C SER B 123 -9.69 37.67 0.64
N TYR B 124 -8.85 37.89 -0.36
CA TYR B 124 -9.29 38.48 -1.64
C TYR B 124 -10.37 37.65 -2.36
N ALA B 125 -10.27 36.32 -2.27
CA ALA B 125 -11.24 35.39 -2.87
C ALA B 125 -12.40 35.08 -1.92
N PHE B 126 -12.09 34.92 -0.63
CA PHE B 126 -13.04 34.44 0.38
C PHE B 126 -13.24 35.47 1.50
N PRO B 127 -14.29 36.30 1.40
CA PRO B 127 -14.56 37.24 2.49
C PRO B 127 -15.19 36.61 3.75
N LYS B 128 -15.94 35.52 3.57
CA LYS B 128 -16.52 34.76 4.69
C LYS B 128 -15.55 33.68 5.18
N GLU B 129 -15.64 33.35 6.47
CA GLU B 129 -14.84 32.28 7.05
C GLU B 129 -15.18 30.89 6.45
N PHE B 130 -14.24 29.96 6.56
CA PHE B 130 -14.42 28.56 6.14
C PHE B 130 -15.65 27.98 6.84
N PRO B 131 -16.71 27.64 6.08
CA PRO B 131 -17.99 27.28 6.70
C PRO B 131 -18.17 25.80 7.06
N TYR B 132 -17.18 24.96 6.74
CA TYR B 132 -17.30 23.51 6.90
C TYR B 132 -16.68 22.97 8.19
N ARG B 133 -17.25 21.86 8.65
CA ARG B 133 -16.88 21.21 9.89
C ARG B 133 -16.47 19.79 9.54
N MET B 134 -16.02 19.02 10.53
CA MET B 134 -15.39 17.73 10.27
C MET B 134 -16.35 16.68 9.68
N ASN B 135 -17.62 16.73 10.05
CA ASN B 135 -18.62 15.84 9.45
C ASN B 135 -18.80 16.05 7.93
N HIS B 136 -18.56 17.27 7.46
CA HIS B 136 -18.59 17.57 6.02
C HIS B 136 -17.37 17.01 5.30
N ILE B 137 -16.20 17.14 5.93
CA ILE B 137 -14.94 16.54 5.41
C ILE B 137 -15.11 15.02 5.33
N LEU B 138 -15.67 14.42 6.38
CA LEU B 138 -15.85 12.96 6.43
C LEU B 138 -16.81 12.41 5.35
N GLU B 139 -17.89 13.13 5.06
CA GLU B 139 -18.80 12.75 3.97
C GLU B 139 -18.07 12.85 2.63
N CYS B 140 -17.45 14.00 2.38
CA CYS B 140 -16.68 14.23 1.15
C CYS B 140 -15.61 13.17 0.87
N GLU B 141 -14.90 12.75 1.92
CA GLU B 141 -13.86 11.70 1.83
C GLU B 141 -14.42 10.43 1.18
N PHE B 142 -15.61 10.00 1.62
CA PHE B 142 -16.29 8.83 1.02
C PHE B 142 -16.63 9.01 -0.46
N TYR B 143 -17.12 10.19 -0.84
CA TYR B 143 -17.35 10.49 -2.26
C TYR B 143 -16.05 10.45 -3.08
N LEU B 144 -14.99 11.09 -2.56
CA LEU B 144 -13.68 11.13 -3.22
C LEU B 144 -13.05 9.75 -3.45
N LEU B 145 -13.06 8.93 -2.41
CA LEU B 145 -12.53 7.56 -2.48
C LEU B 145 -13.31 6.69 -3.49
N GLU B 146 -14.61 6.89 -3.57
CA GLU B 146 -15.49 6.19 -4.53
C GLU B 146 -15.17 6.57 -5.98
N LEU B 147 -15.00 7.86 -6.25
CA LEU B 147 -14.71 8.32 -7.62
C LEU B 147 -13.35 7.89 -8.08
N MET B 148 -12.37 7.92 -7.18
CA MET B 148 -11.03 7.42 -7.52
C MET B 148 -10.95 5.88 -7.57
N ASP B 149 -12.05 5.17 -7.30
CA ASP B 149 -12.10 3.71 -7.37
C ASP B 149 -11.06 3.15 -6.39
N CYS B 150 -10.93 3.80 -5.24
CA CYS B 150 -9.94 3.48 -4.21
C CYS B 150 -8.47 3.46 -4.68
N CYS B 151 -8.15 4.22 -5.73
CA CYS B 151 -6.77 4.32 -6.27
C CYS B 151 -6.07 5.41 -5.49
N LEU B 152 -5.23 5.01 -4.53
CA LEU B 152 -4.64 5.95 -3.57
C LEU B 152 -3.15 6.23 -3.80
N ILE B 153 -2.41 5.22 -4.28
CA ILE B 153 -0.98 5.36 -4.57
C ILE B 153 -0.81 6.14 -5.87
N VAL B 154 -0.15 7.29 -5.76
CA VAL B 154 0.14 8.17 -6.88
C VAL B 154 1.65 8.35 -7.00
N TYR B 155 2.15 8.20 -8.23
CA TYR B 155 3.56 8.39 -8.57
C TYR B 155 3.76 9.83 -9.04
N HIS B 156 4.89 10.44 -8.67
CA HIS B 156 5.16 11.86 -9.00
C HIS B 156 6.52 12.02 -9.73
N PRO B 157 6.77 13.19 -10.34
CA PRO B 157 8.03 13.33 -11.07
C PRO B 157 9.27 13.52 -10.23
N TYR B 158 9.12 13.68 -8.90
CA TYR B 158 10.24 14.08 -8.03
C TYR B 158 11.31 13.01 -7.97
N ARG B 159 10.89 11.76 -7.76
CA ARG B 159 11.82 10.63 -7.67
C ARG B 159 12.66 10.43 -8.94
N PRO B 160 12.02 10.33 -10.13
CA PRO B 160 12.88 10.17 -11.32
C PRO B 160 13.75 11.40 -11.65
N LEU B 161 13.27 12.61 -11.36
CA LEU B 161 14.09 13.83 -11.52
C LEU B 161 15.39 13.70 -10.74
N LEU B 162 15.29 13.27 -9.49
CA LEU B 162 16.47 13.04 -8.64
C LEU B 162 17.45 11.98 -9.19
N GLN B 163 16.90 10.91 -9.76
CA GLN B 163 17.71 9.87 -10.42
C GLN B 163 18.40 10.41 -11.67
N TYR B 164 17.68 11.18 -12.49
CA TYR B 164 18.25 11.75 -13.72
C TYR B 164 19.39 12.74 -13.44
N VAL B 165 19.18 13.65 -12.48
CA VAL B 165 20.20 14.68 -12.15
C VAL B 165 21.43 14.07 -11.48
N GLN B 166 21.26 12.97 -10.73
CA GLN B 166 22.38 12.17 -10.21
C GLN B 166 23.18 11.49 -11.33
N ASP B 167 22.49 11.00 -12.37
CA ASP B 167 23.16 10.40 -13.54
C ASP B 167 23.95 11.43 -14.37
N MET B 168 23.41 12.63 -14.50
CA MET B 168 24.14 13.75 -15.09
C MET B 168 25.38 14.14 -14.28
N GLY B 169 25.30 13.96 -12.96
CA GLY B 169 26.31 14.50 -12.04
C GLY B 169 26.15 16.00 -11.92
N GLN B 170 24.90 16.46 -11.83
CA GLN B 170 24.56 17.87 -11.79
C GLN B 170 23.44 18.16 -10.78
N GLU B 171 23.51 17.52 -9.61
CA GLU B 171 22.44 17.67 -8.60
C GLU B 171 22.40 19.10 -8.05
N ASP B 172 23.54 19.60 -7.57
CA ASP B 172 23.60 20.93 -6.93
C ASP B 172 23.24 22.06 -7.90
N MET B 173 23.71 21.96 -9.14
CA MET B 173 23.45 22.99 -10.16
C MET B 173 21.97 23.03 -10.61
N LEU B 174 21.46 21.88 -11.03
CA LEU B 174 20.14 21.78 -11.71
C LEU B 174 18.93 21.43 -10.82
N LEU B 175 19.14 20.73 -9.70
CA LEU B 175 18.01 20.13 -8.96
C LEU B 175 17.04 21.17 -8.41
N PRO B 176 17.54 22.23 -7.73
CA PRO B 176 16.63 23.23 -7.17
C PRO B 176 15.62 23.78 -8.19
N LEU B 177 16.09 24.22 -9.34
CA LEU B 177 15.23 24.81 -10.36
C LEU B 177 14.33 23.74 -11.01
N ALA B 178 14.89 22.62 -11.41
CA ALA B 178 14.08 21.50 -11.96
C ALA B 178 12.97 21.06 -11.00
N TRP B 179 13.29 21.02 -9.70
CA TRP B 179 12.31 20.68 -8.64
C TRP B 179 11.17 21.70 -8.60
N ARG B 180 11.49 23.00 -8.53
CA ARG B 180 10.44 24.04 -8.52
C ARG B 180 9.58 24.01 -9.79
N ILE B 181 10.18 23.66 -10.93
CA ILE B 181 9.44 23.56 -12.18
C ILE B 181 8.47 22.38 -12.14
N VAL B 182 8.87 21.26 -11.54
CA VAL B 182 7.95 20.13 -11.32
C VAL B 182 6.76 20.53 -10.41
N ASN B 183 7.02 21.28 -9.34
CA ASN B 183 5.95 21.88 -8.54
C ASN B 183 4.98 22.68 -9.42
N ASP B 184 5.53 23.51 -10.30
CA ASP B 184 4.70 24.35 -11.19
C ASP B 184 3.82 23.55 -12.17
N THR B 185 4.28 22.36 -12.59
CA THR B 185 3.52 21.54 -13.54
C THR B 185 2.14 21.15 -13.00
N TYR B 186 2.00 21.08 -11.67
CA TYR B 186 0.70 20.83 -11.03
C TYR B 186 -0.35 21.95 -11.22
N ARG B 187 0.04 23.12 -11.72
CA ARG B 187 -0.92 24.16 -12.15
C ARG B 187 -1.67 23.79 -13.44
N THR B 188 -1.17 22.77 -14.15
CA THR B 188 -1.74 22.29 -15.41
C THR B 188 -2.28 20.86 -15.27
N ASP B 189 -2.80 20.35 -16.40
CA ASP B 189 -3.32 19.01 -16.54
C ASP B 189 -2.29 17.89 -16.73
N LEU B 190 -1.00 18.23 -16.81
CA LEU B 190 0.05 17.28 -17.24
C LEU B 190 0.03 15.95 -16.48
N CYS B 191 -0.08 16.03 -15.16
CA CYS B 191 -0.09 14.84 -14.31
C CYS B 191 -1.22 13.85 -14.66
N LEU B 192 -2.30 14.32 -15.28
CA LEU B 192 -3.35 13.44 -15.84
C LEU B 192 -3.07 12.87 -17.26
N LEU B 193 -2.06 13.39 -17.95
CA LEU B 193 -1.84 13.09 -19.39
C LEU B 193 -0.57 12.33 -19.75
N TYR B 194 0.48 12.50 -18.95
CA TYR B 194 1.78 11.90 -19.21
C TYR B 194 2.32 11.15 -17.99
N PRO B 195 3.09 10.06 -18.19
CA PRO B 195 3.80 9.43 -17.08
C PRO B 195 4.80 10.38 -16.41
N PRO B 196 4.95 10.29 -15.07
CA PRO B 196 5.83 11.17 -14.30
C PRO B 196 7.27 11.32 -14.78
N PHE B 197 7.89 10.24 -15.22
CA PHE B 197 9.26 10.32 -15.71
C PHE B 197 9.39 11.26 -16.91
N MET B 198 8.35 11.33 -17.75
CA MET B 198 8.35 12.21 -18.93
C MET B 198 8.23 13.66 -18.50
N ILE B 199 7.41 13.90 -17.47
CA ILE B 199 7.31 15.24 -16.87
C ILE B 199 8.64 15.67 -16.25
N ALA B 200 9.32 14.76 -15.55
CA ALA B 200 10.64 15.08 -14.96
C ALA B 200 11.69 15.43 -16.03
N LEU B 201 11.67 14.71 -17.15
CA LEU B 201 12.58 14.99 -18.27
C LEU B 201 12.31 16.36 -18.92
N ALA B 202 11.03 16.71 -19.04
CA ALA B 202 10.62 18.03 -19.51
C ALA B 202 11.06 19.18 -18.60
N CYS B 203 10.82 19.02 -17.30
CA CYS B 203 11.25 20.00 -16.30
C CYS B 203 12.78 20.15 -16.23
N LEU B 204 13.49 19.02 -16.28
CA LEU B 204 14.97 19.04 -16.32
C LEU B 204 15.50 19.76 -17.57
N HIS B 205 14.87 19.49 -18.71
CA HIS B 205 15.21 20.19 -19.96
C HIS B 205 15.03 21.71 -19.87
N VAL B 206 13.89 22.16 -19.33
CA VAL B 206 13.63 23.59 -19.16
C VAL B 206 14.62 24.22 -18.19
N ALA B 207 14.98 23.49 -17.14
CA ALA B 207 16.01 23.93 -16.18
C ALA B 207 17.39 24.07 -16.82
N CYS B 208 17.73 23.16 -17.72
CA CYS B 208 18.98 23.23 -18.48
C CYS B 208 19.04 24.45 -19.41
N VAL B 209 17.93 24.77 -20.09
CA VAL B 209 17.88 25.96 -20.96
C VAL B 209 17.95 27.25 -20.16
N VAL B 210 17.16 27.36 -19.08
CA VAL B 210 17.19 28.56 -18.20
C VAL B 210 18.60 28.81 -17.65
N GLN B 211 19.29 27.77 -17.19
CA GLN B 211 20.64 27.90 -16.63
C GLN B 211 21.78 27.81 -17.67
N GLN B 212 21.43 27.70 -18.95
CA GLN B 212 22.40 27.62 -20.07
C GLN B 212 23.41 26.50 -19.90
N LYS B 213 22.89 25.29 -19.65
CA LYS B 213 23.67 24.07 -19.59
C LYS B 213 23.36 23.22 -20.81
N ASP B 214 24.40 22.91 -21.58
CA ASP B 214 24.29 22.02 -22.74
C ASP B 214 24.17 20.58 -22.22
N ALA B 215 23.01 19.96 -22.45
CA ALA B 215 22.79 18.55 -22.12
C ALA B 215 22.26 17.77 -23.32
N ARG B 216 22.62 18.21 -24.53
CA ARG B 216 22.08 17.64 -25.77
C ARG B 216 22.40 16.16 -25.94
N GLN B 217 23.65 15.80 -25.64
CA GLN B 217 24.12 14.42 -25.77
C GLN B 217 23.44 13.49 -24.79
N TRP B 218 23.38 13.91 -23.52
CA TRP B 218 22.69 13.13 -22.48
C TRP B 218 21.24 12.83 -22.88
N PHE B 219 20.49 13.85 -23.28
CA PHE B 219 19.10 13.68 -23.75
C PHE B 219 19.01 12.82 -25.04
N ALA B 220 20.02 12.92 -25.90
CA ALA B 220 20.13 12.10 -27.10
C ALA B 220 20.32 10.60 -26.78
N GLU B 221 21.08 10.33 -25.72
CA GLU B 221 21.36 8.94 -25.27
C GLU B 221 20.22 8.22 -24.55
N LEU B 222 19.07 8.88 -24.36
CA LEU B 222 17.89 8.27 -23.72
C LEU B 222 17.02 7.50 -24.72
N SER B 223 16.40 6.42 -24.26
CA SER B 223 15.42 5.66 -25.06
C SER B 223 14.02 6.18 -24.71
N VAL B 224 13.63 7.29 -25.32
CA VAL B 224 12.35 7.98 -25.03
C VAL B 224 11.76 8.69 -26.27
N ASP B 225 10.44 8.83 -26.30
CA ASP B 225 9.72 9.55 -27.35
C ASP B 225 9.84 11.05 -27.09
N MET B 226 10.78 11.70 -27.77
CA MET B 226 11.02 13.14 -27.59
C MET B 226 9.89 14.06 -28.09
N GLU B 227 9.04 13.56 -28.99
CA GLU B 227 7.82 14.30 -29.41
C GLU B 227 6.89 14.50 -28.21
N LYS B 228 6.74 13.46 -27.39
CA LYS B 228 5.97 13.55 -26.17
C LYS B 228 6.64 14.51 -25.17
N ILE B 229 7.96 14.45 -25.04
CA ILE B 229 8.70 15.37 -24.14
C ILE B 229 8.55 16.83 -24.59
N LEU B 230 8.57 17.07 -25.91
CA LEU B 230 8.43 18.43 -26.46
C LEU B 230 7.02 18.96 -26.30
N GLU B 231 6.01 18.10 -26.40
CA GLU B 231 4.64 18.49 -26.03
C GLU B 231 4.57 19.07 -24.61
N ILE B 232 5.28 18.43 -23.68
CA ILE B 232 5.26 18.80 -22.25
C ILE B 232 6.01 20.11 -22.00
N ILE B 233 7.19 20.25 -22.60
CA ILE B 233 7.96 21.50 -22.56
C ILE B 233 7.08 22.63 -23.06
N ARG B 234 6.35 22.39 -24.16
CA ARG B 234 5.48 23.43 -24.72
C ARG B 234 4.39 23.89 -23.74
N VAL B 235 3.83 22.97 -22.96
CA VAL B 235 2.87 23.31 -21.91
C VAL B 235 3.54 24.03 -20.72
N ILE B 236 4.76 23.61 -20.38
CA ILE B 236 5.54 24.28 -19.32
C ILE B 236 5.88 25.73 -19.69
N LEU B 237 6.30 25.96 -20.94
CA LEU B 237 6.59 27.34 -21.40
C LEU B 237 5.33 28.18 -21.44
N LYS B 238 4.22 27.57 -21.85
CA LYS B 238 2.92 28.25 -21.89
C LYS B 238 2.48 28.69 -20.48
N LEU B 239 2.71 27.85 -19.45
CA LEU B 239 2.25 28.16 -18.09
C LEU B 239 2.95 29.39 -17.47
N TYR B 240 4.21 29.65 -17.82
CA TYR B 240 4.90 30.87 -17.34
C TYR B 240 4.42 32.16 -18.02
N GLU B 241 3.96 32.04 -19.26
CA GLU B 241 3.28 33.13 -19.95
C GLU B 241 1.89 33.38 -19.35
N GLN B 242 1.16 32.30 -19.08
CA GLN B 242 -0.10 32.39 -18.32
C GLN B 242 0.11 33.06 -16.93
N TRP B 243 1.16 32.63 -16.22
CA TRP B 243 1.57 33.18 -14.90
C TRP B 243 1.79 34.70 -14.97
N LYS B 244 2.66 35.12 -15.89
CA LYS B 244 2.89 36.55 -16.17
C LYS B 244 1.59 37.34 -16.32
N ASN B 245 0.68 36.84 -17.16
CA ASN B 245 -0.55 37.56 -17.55
C ASN B 245 -1.74 37.45 -16.58
N PHE B 246 -1.61 36.62 -15.55
CA PHE B 246 -2.69 36.34 -14.60
C PHE B 246 -2.42 37.04 -13.28
N ASP B 247 -3.34 37.91 -12.85
CA ASP B 247 -3.37 38.34 -11.45
C ASP B 247 -4.51 37.61 -10.73
N GLU B 248 -4.11 36.53 -10.09
CA GLU B 248 -4.98 35.73 -9.21
C GLU B 248 -5.76 36.62 -8.26
N ARG B 249 -5.06 37.54 -7.59
CA ARG B 249 -5.67 38.34 -6.51
C ARG B 249 -6.73 39.36 -6.99
N LYS B 250 -6.56 39.90 -8.19
CA LYS B 250 -7.53 40.84 -8.77
C LYS B 250 -8.74 40.14 -9.41
N GLU B 251 -8.51 38.97 -10.01
CA GLU B 251 -9.50 38.29 -10.83
C GLU B 251 -10.31 37.19 -10.11
N MET B 252 -9.75 36.53 -9.10
CA MET B 252 -10.36 35.29 -8.59
C MET B 252 -11.73 35.43 -7.91
N ALA B 253 -12.02 36.55 -7.25
CA ALA B 253 -13.36 36.76 -6.67
C ALA B 253 -14.44 36.69 -7.75
N THR B 254 -14.19 37.33 -8.89
CA THR B 254 -15.13 37.35 -10.02
C THR B 254 -15.28 35.99 -10.70
N ILE B 255 -14.17 35.26 -10.84
CA ILE B 255 -14.16 33.94 -11.49
C ILE B 255 -14.92 32.91 -10.66
N LEU B 256 -14.67 32.92 -9.35
CA LEU B 256 -15.36 32.03 -8.39
C LEU B 256 -16.89 32.27 -8.37
N SER B 257 -17.31 33.53 -8.52
CA SER B 257 -18.74 33.87 -8.59
C SER B 257 -19.41 33.34 -9.88
N LYS B 258 -18.61 33.17 -10.95
CA LYS B 258 -19.10 32.59 -12.20
C LYS B 258 -19.18 31.05 -12.21
N MET B 259 -18.54 30.35 -11.25
CA MET B 259 -18.60 28.87 -11.16
C MET B 259 -20.03 28.37 -11.09
N PRO B 260 -20.31 27.21 -11.70
CA PRO B 260 -21.67 26.69 -11.54
C PRO B 260 -21.96 26.33 -10.09
N LYS B 261 -23.17 26.67 -9.65
CA LYS B 261 -23.63 26.44 -8.27
C LYS B 261 -24.39 25.11 -8.19
N PRO B 262 -24.32 24.42 -7.03
CA PRO B 262 -25.10 23.20 -6.82
C PRO B 262 -26.61 23.44 -6.77
N LYS B 263 -27.38 22.48 -7.25
CA LYS B 263 -28.84 22.48 -7.06
C LYS B 263 -29.12 22.11 -5.60
N PRO B 264 -30.08 22.81 -4.96
CA PRO B 264 -30.52 22.39 -3.63
C PRO B 264 -31.51 21.23 -3.74
N PRO B 265 -31.86 20.58 -2.61
CA PRO B 265 -32.97 19.61 -2.63
C PRO B 265 -34.33 20.22 -3.01
N PRO B 266 -35.29 19.38 -3.45
CA PRO B 266 -36.62 19.87 -3.86
C PRO B 266 -37.60 19.99 -2.69
C2 5XG C . -10.76 -17.77 10.29
C5 5XG C . -9.43 -17.29 8.47
C6 5XG C . -9.20 -16.85 7.14
C7 5XG C . -10.27 -16.46 6.34
C8 5XG C . -11.59 -16.46 6.83
C11 5XG C . -10.04 -15.95 4.95
C12 5XG C . -10.41 -16.74 3.86
N13 5XG C . -10.22 -16.32 2.62
C15 5XG C . -9.28 -14.29 3.38
C17 5XG C . -9.46 -14.67 4.72
C19 5XG C . -10.04 -13.39 6.77
C21 5XG C . -8.34 -11.72 7.58
C23 5XG C . -6.98 -11.44 9.53
O26 5XG C . -8.63 -9.35 7.27
C27 5XG C . -7.42 -12.07 6.41
N1 5XG C . -11.83 -17.95 11.15
N3 5XG C . -9.46 -18.01 10.57
N4 5XG C . -8.67 -17.73 9.46
C9 5XG C . -11.87 -16.88 8.11
C10 5XG C . -10.83 -17.31 8.97
C14 5XG C . -9.68 -15.15 2.37
CL1 5XG C . -8.57 -12.77 2.93
N18 5XG C . -9.05 -13.85 5.77
C20 5XG C . -9.80 -11.95 7.21
C22 5XG C . -7.95 -12.47 8.88
N24 5XG C . -7.39 -10.14 9.02
C25 5XG C . -8.16 -10.26 7.91
C28 5XG C . -7.62 -13.51 5.95
S DMS D . -5.79 -8.91 3.62
O DMS D . -4.03 -8.81 3.25
C1 DMS D . -6.26 -10.64 3.40
C2 DMS D . -6.07 -8.68 5.39
C1 EDO E . 4.58 -36.92 -0.98
O1 EDO E . 5.99 -36.76 -0.77
C2 EDO E . 3.89 -35.56 -1.12
O2 EDO E . 2.47 -35.66 -0.96
C FMT F . 7.40 -35.48 11.71
O1 FMT F . 6.44 -34.77 11.40
O2 FMT F . 8.41 -35.55 11.00
C FMT G . 14.58 -35.26 6.08
O1 FMT G . 15.75 -35.46 6.38
O2 FMT G . 14.21 -34.23 5.50
C FMT H . 13.55 -4.15 -3.62
O1 FMT H . 14.62 -4.35 -3.05
O2 FMT H . 13.46 -3.44 -4.63
C FMT I . 12.86 -23.80 26.75
O1 FMT I . 13.15 -24.73 26.00
O2 FMT I . 12.15 -22.85 26.39
C FMT J . -13.05 1.68 9.44
O1 FMT J . -11.96 1.61 8.86
O2 FMT J . -14.13 1.61 8.84
C FMT K . -27.30 -10.71 2.94
O1 FMT K . -27.47 -11.91 2.71
O2 FMT K . -27.91 -9.82 2.32
C1 EDO L . 2.73 -5.93 13.28
O1 EDO L . 3.28 -7.05 13.98
C2 EDO L . 1.42 -6.33 12.59
O2 EDO L . 0.77 -5.20 12.00
C FMT M . -5.85 21.77 -9.12
O1 FMT M . -4.66 21.47 -9.03
O2 FMT M . -6.40 21.90 -10.22
#